data_2W7R
#
_entry.id   2W7R
#
_cell.length_a   100.940
_cell.length_b   100.940
_cell.length_c   69.470
_cell.angle_alpha   90.00
_cell.angle_beta   90.00
_cell.angle_gamma   120.00
#
_symmetry.space_group_name_H-M   'H 3'
#
loop_
_entity.id
_entity.type
_entity.pdbx_description
1 polymer 'MICROTUBULE-ASSOCIATED SERINE/THREONINE-PROTEIN KINASE 4'
2 non-polymer 'PHOSPHATE ION'
3 water water
#
_entity_poly.entity_id   1
_entity_poly.type   'polypeptide(L)'
_entity_poly.pdbx_seq_one_letter_code
;SMQPIVIHSSGKNYGFTIRAIRVYVGDSDIYTVHHIVWNVEEGSPACQAGLKAGDLITHINGEPVHGLVHTEVIELLLKS
GNKVSITTTPFENTETSV
;
_entity_poly.pdbx_strand_id   A,B
#
# COMPACT_ATOMS: atom_id res chain seq x y z
N GLN A 3 -16.73 -5.74 -6.62
CA GLN A 3 -16.55 -6.52 -5.40
C GLN A 3 -17.63 -7.59 -5.26
N PRO A 4 -17.21 -8.83 -5.04
CA PRO A 4 -15.80 -9.27 -4.94
C PRO A 4 -15.18 -9.46 -6.31
N ILE A 5 -13.85 -9.58 -6.36
CA ILE A 5 -13.15 -9.89 -7.59
C ILE A 5 -13.22 -11.40 -7.80
N VAL A 6 -13.78 -11.83 -8.92
CA VAL A 6 -13.85 -13.26 -9.21
C VAL A 6 -12.77 -13.65 -10.19
N ILE A 7 -11.93 -14.60 -9.79
CA ILE A 7 -10.83 -15.03 -10.63
C ILE A 7 -11.05 -16.46 -11.08
N HIS A 8 -11.12 -16.66 -12.39
CA HIS A 8 -11.26 -18.00 -12.96
C HIS A 8 -9.90 -18.49 -13.44
N SER A 9 -9.47 -19.62 -12.91
CA SER A 9 -8.20 -20.23 -13.30
C SER A 9 -8.46 -21.52 -14.07
N SER A 10 -7.58 -21.83 -15.03
CA SER A 10 -7.71 -23.04 -15.84
C SER A 10 -6.92 -24.20 -15.22
N LYS A 12 -4.19 -24.13 -12.91
CA LYS A 12 -2.77 -23.90 -12.63
C LYS A 12 -2.60 -22.98 -11.42
N ASN A 13 -2.52 -21.68 -11.68
CA ASN A 13 -2.44 -20.67 -10.62
C ASN A 13 -3.33 -19.47 -10.94
N TYR A 14 -3.52 -18.60 -9.96
CA TYR A 14 -4.29 -17.39 -10.19
C TYR A 14 -3.40 -16.27 -10.74
N GLY A 15 -2.15 -16.25 -10.28
CA GLY A 15 -1.16 -15.33 -10.82
C GLY A 15 -0.86 -14.11 -9.96
N PHE A 16 -0.85 -14.29 -8.65
CA PHE A 16 -0.47 -13.17 -7.77
C PHE A 16 0.22 -13.60 -6.48
N THR A 17 0.81 -12.63 -5.80
CA THR A 17 1.44 -12.87 -4.50
C THR A 17 0.87 -11.91 -3.47
N ILE A 18 0.85 -12.35 -2.21
CA ILE A 18 0.34 -11.53 -1.12
C ILE A 18 1.42 -11.35 -0.08
N ARG A 19 1.36 -10.23 0.64
CA ARG A 19 2.26 -10.01 1.76
C ARG A 19 1.51 -9.47 2.97
N ALA A 20 1.97 -9.87 4.15
CA ALA A 20 1.46 -9.32 5.40
C ALA A 20 2.11 -7.95 5.59
N ILE A 21 1.33 -6.99 6.06
CA ILE A 21 1.86 -5.65 6.32
C ILE A 21 1.46 -5.16 7.69
N ARG A 22 2.18 -4.16 8.17
CA ARG A 22 1.76 -3.43 9.36
C ARG A 22 1.67 -1.97 9.00
N VAL A 23 0.60 -1.32 9.45
CA VAL A 23 0.40 0.09 9.12
C VAL A 23 0.42 0.90 10.41
N TYR A 24 1.41 1.77 10.54
CA TYR A 24 1.60 2.50 11.79
C TYR A 24 0.92 3.86 11.74
N VAL A 25 0.40 4.29 12.88
N VAL A 25 0.41 4.31 12.87
CA VAL A 25 -0.24 5.60 12.97
CA VAL A 25 -0.25 5.61 12.91
C VAL A 25 0.76 6.61 13.53
C VAL A 25 0.64 6.67 13.56
N GLY A 26 0.99 7.69 12.78
CA GLY A 26 1.88 8.73 13.24
C GLY A 26 3.24 8.18 13.63
N ASP A 27 3.81 8.70 14.71
CA ASP A 27 5.14 8.25 15.13
C ASP A 27 5.09 7.13 16.17
N SER A 28 3.92 6.56 16.37
CA SER A 28 3.72 5.62 17.47
C SER A 28 4.16 4.20 17.13
N ASP A 29 4.16 3.35 18.15
CA ASP A 29 4.45 1.92 17.99
C ASP A 29 3.17 1.13 17.75
N ILE A 30 2.06 1.84 17.57
N ILE A 30 2.05 1.84 17.59
CA ILE A 30 0.77 1.19 17.36
CA ILE A 30 0.77 1.20 17.36
C ILE A 30 0.53 0.97 15.87
C ILE A 30 0.56 0.96 15.87
N TYR A 31 0.15 -0.25 15.51
CA TYR A 31 -0.12 -0.58 14.12
C TYR A 31 -1.38 -1.44 13.94
N THR A 32 -1.85 -1.50 12.70
CA THR A 32 -2.90 -2.44 12.32
C THR A 32 -2.32 -3.42 11.28
N VAL A 33 -2.89 -4.62 11.23
CA VAL A 33 -2.33 -5.70 10.43
C VAL A 33 -3.24 -5.98 9.25
N HIS A 34 -2.63 -6.14 8.07
CA HIS A 34 -3.38 -6.37 6.85
C HIS A 34 -2.64 -7.30 5.92
N HIS A 35 -3.36 -7.73 4.89
CA HIS A 35 -2.80 -8.57 3.83
C HIS A 35 -2.99 -7.83 2.54
N ILE A 36 -1.92 -7.63 1.81
CA ILE A 36 -1.96 -6.83 0.61
C ILE A 36 -1.62 -7.68 -0.61
N VAL A 37 -2.26 -7.39 -1.73
CA VAL A 37 -1.83 -7.98 -2.99
C VAL A 37 -0.53 -7.29 -3.36
N TRP A 38 0.55 -8.06 -3.43
CA TRP A 38 1.86 -7.46 -3.66
C TRP A 38 2.19 -7.35 -5.14
N ASN A 39 1.92 -8.41 -5.88
CA ASN A 39 2.17 -8.40 -7.31
C ASN A 39 1.11 -9.19 -8.02
N VAL A 40 0.78 -8.75 -9.23
CA VAL A 40 -0.15 -9.45 -10.10
C VAL A 40 0.53 -9.63 -11.46
N GLU A 41 0.79 -10.88 -11.83
CA GLU A 41 1.49 -11.19 -13.07
C GLU A 41 0.65 -10.81 -14.29
N GLU A 42 1.26 -10.11 -15.24
CA GLU A 42 0.55 -9.71 -16.45
C GLU A 42 0.17 -10.93 -17.28
N GLY A 43 -1.06 -10.91 -17.81
CA GLY A 43 -1.56 -12.00 -18.62
C GLY A 43 -2.20 -13.11 -17.80
N SER A 44 -2.13 -12.97 -16.47
CA SER A 44 -2.67 -13.98 -15.56
C SER A 44 -4.17 -13.80 -15.39
N PRO A 45 -4.85 -14.85 -14.89
CA PRO A 45 -6.25 -14.75 -14.50
C PRO A 45 -6.50 -13.60 -13.54
N ALA A 46 -5.60 -13.39 -12.58
CA ALA A 46 -5.74 -12.29 -11.62
C ALA A 46 -5.67 -10.93 -12.32
N CYS A 47 -4.77 -10.83 -13.30
CA CYS A 47 -4.61 -9.61 -14.07
C CYS A 47 -5.88 -9.33 -14.89
N GLN A 48 -6.38 -10.37 -15.55
CA GLN A 48 -7.60 -10.24 -16.36
C GLN A 48 -8.79 -9.84 -15.49
N ALA A 49 -8.84 -10.40 -14.29
CA ALA A 49 -9.95 -10.21 -13.37
C ALA A 49 -9.98 -8.82 -12.75
N GLY A 50 -8.87 -8.10 -12.85
CA GLY A 50 -8.82 -6.74 -12.35
C GLY A 50 -8.27 -6.61 -10.95
N LEU A 51 -7.68 -7.69 -10.43
CA LEU A 51 -7.00 -7.62 -9.13
C LEU A 51 -5.80 -6.71 -9.31
N LYS A 52 -5.54 -5.86 -8.32
CA LYS A 52 -4.44 -4.92 -8.45
C LYS A 52 -3.48 -4.87 -7.26
N ALA A 53 -2.20 -4.77 -7.56
CA ALA A 53 -1.18 -4.56 -6.53
C ALA A 53 -1.55 -3.37 -5.67
N GLY A 54 -1.38 -3.52 -4.36
CA GLY A 54 -1.77 -2.48 -3.42
C GLY A 54 -3.15 -2.67 -2.79
N ASP A 55 -3.97 -3.52 -3.40
CA ASP A 55 -5.29 -3.82 -2.85
C ASP A 55 -5.15 -4.56 -1.54
N LEU A 56 -5.89 -4.14 -0.52
CA LEU A 56 -5.95 -4.89 0.72
C LEU A 56 -7.04 -5.94 0.59
N ILE A 57 -6.75 -7.15 1.02
CA ILE A 57 -7.70 -8.25 0.96
C ILE A 57 -8.46 -8.32 2.27
N THR A 58 -9.79 -8.37 2.19
CA THR A 58 -10.59 -8.51 3.40
C THR A 58 -11.25 -9.87 3.52
N HIS A 59 -11.49 -10.51 2.37
CA HIS A 59 -12.18 -11.80 2.37
C HIS A 59 -11.69 -12.65 1.22
N ILE A 60 -11.70 -13.97 1.43
CA ILE A 60 -11.49 -14.92 0.35
C ILE A 60 -12.68 -15.88 0.34
N ASN A 61 -13.37 -15.95 -0.79
CA ASN A 61 -14.58 -16.76 -0.91
C ASN A 61 -15.56 -16.48 0.23
N GLY A 62 -15.64 -15.21 0.62
CA GLY A 62 -16.58 -14.79 1.65
C GLY A 62 -16.07 -14.92 3.07
N GLU A 63 -14.95 -15.60 3.25
CA GLU A 63 -14.35 -15.76 4.59
C GLU A 63 -13.44 -14.59 4.92
N PRO A 64 -13.65 -13.95 6.07
CA PRO A 64 -12.80 -12.82 6.45
C PRO A 64 -11.37 -13.25 6.72
N VAL A 65 -10.40 -12.43 6.35
CA VAL A 65 -9.01 -12.74 6.64
C VAL A 65 -8.53 -12.02 7.89
N HIS A 66 -9.39 -11.21 8.50
CA HIS A 66 -9.00 -10.54 9.74
C HIS A 66 -8.56 -11.55 10.79
N GLY A 67 -7.44 -11.27 11.45
CA GLY A 67 -6.93 -12.15 12.48
C GLY A 67 -6.14 -13.35 11.98
N LEU A 68 -6.15 -13.60 10.68
CA LEU A 68 -5.40 -14.73 10.13
C LEU A 68 -3.95 -14.35 9.85
N VAL A 69 -3.04 -15.29 10.07
CA VAL A 69 -1.65 -15.06 9.72
C VAL A 69 -1.39 -15.36 8.24
N HIS A 70 -0.25 -14.89 7.73
CA HIS A 70 0.10 -15.06 6.33
C HIS A 70 -0.16 -16.48 5.80
N THR A 71 0.38 -17.48 6.48
N THR A 71 0.38 -17.47 6.49
CA THR A 71 0.28 -18.85 6.01
CA THR A 71 0.29 -18.86 6.04
C THR A 71 -1.17 -19.35 5.97
C THR A 71 -1.16 -19.35 5.99
N GLU A 72 -2.00 -18.84 6.88
CA GLU A 72 -3.42 -19.19 6.89
C GLU A 72 -4.16 -18.65 5.68
N VAL A 73 -3.83 -17.41 5.30
CA VAL A 73 -4.43 -16.81 4.12
C VAL A 73 -3.99 -17.55 2.86
N ILE A 74 -2.71 -17.84 2.77
CA ILE A 74 -2.18 -18.60 1.64
C ILE A 74 -2.95 -19.92 1.52
N GLU A 75 -3.17 -20.57 2.66
CA GLU A 75 -3.89 -21.85 2.68
C GLU A 75 -5.31 -21.71 2.13
N LEU A 76 -5.98 -20.60 2.46
CA LEU A 76 -7.31 -20.34 1.91
C LEU A 76 -7.27 -20.27 0.39
N LEU A 77 -6.28 -19.59 -0.15
CA LEU A 77 -6.15 -19.42 -1.60
C LEU A 77 -5.80 -20.74 -2.27
N LEU A 78 -5.01 -21.57 -1.59
CA LEU A 78 -4.59 -22.85 -2.14
C LEU A 78 -5.71 -23.88 -2.22
N LYS A 79 -6.56 -23.93 -1.20
CA LYS A 79 -7.64 -24.90 -1.16
C LYS A 79 -8.81 -24.49 -2.04
N SER A 80 -8.74 -23.29 -2.60
CA SER A 80 -9.83 -22.76 -3.42
C SER A 80 -9.97 -23.52 -4.74
N GLY A 81 -8.85 -23.96 -5.31
CA GLY A 81 -8.89 -24.77 -6.51
C GLY A 81 -8.89 -24.00 -7.83
N ASN A 82 -10.07 -23.92 -8.46
CA ASN A 82 -10.17 -23.34 -9.81
C ASN A 82 -10.75 -21.93 -9.89
N LYS A 83 -11.82 -21.68 -9.16
CA LYS A 83 -12.40 -20.34 -9.09
C LYS A 83 -12.27 -19.81 -7.66
N VAL A 84 -11.90 -18.55 -7.52
CA VAL A 84 -11.81 -17.92 -6.20
C VAL A 84 -12.39 -16.50 -6.22
N SER A 85 -12.98 -16.11 -5.11
CA SER A 85 -13.53 -14.77 -4.98
C SER A 85 -12.69 -14.01 -3.97
N ILE A 86 -12.22 -12.82 -4.33
CA ILE A 86 -11.41 -12.02 -3.40
C ILE A 86 -12.07 -10.66 -3.17
N THR A 87 -12.40 -10.37 -1.91
CA THR A 87 -12.95 -9.08 -1.58
C THR A 87 -11.81 -8.17 -1.17
N THR A 88 -11.77 -6.99 -1.78
CA THR A 88 -10.70 -6.04 -1.52
C THR A 88 -11.24 -4.68 -1.14
N THR A 89 -10.38 -3.87 -0.53
CA THR A 89 -10.73 -2.51 -0.15
C THR A 89 -9.55 -1.58 -0.44
N PRO A 90 -9.82 -0.29 -0.70
CA PRO A 90 -8.74 0.65 -1.02
C PRO A 90 -7.73 0.80 0.12
N PHE A 91 -6.45 0.93 -0.23
CA PHE A 91 -5.40 1.14 0.77
C PHE A 91 -5.09 2.64 0.86
N GLU A 92 -5.95 3.34 1.57
CA GLU A 92 -5.85 4.79 1.74
C GLU A 92 -6.92 5.18 2.73
N ASN A 93 -6.89 6.42 3.20
CA ASN A 93 -7.94 6.88 4.10
C ASN A 93 -9.28 6.85 3.39
N THR A 94 -10.28 6.23 4.01
CA THR A 94 -11.62 6.17 3.42
C THR A 94 -12.63 6.88 4.31
N GLU A 95 -12.15 7.45 5.41
CA GLU A 95 -13.07 8.05 6.38
C GLU A 95 -13.14 9.56 6.22
N THR A 96 -14.23 10.14 6.70
CA THR A 96 -14.40 11.58 6.60
C THR A 96 -14.34 12.21 7.97
N SER A 97 -13.51 13.24 8.10
CA SER A 97 -13.42 13.99 9.34
C SER A 97 -14.42 15.14 9.28
N VAL A 98 -14.81 15.65 10.44
CA VAL A 98 -15.84 16.67 10.50
C VAL A 98 -15.34 17.99 11.11
N GLN B 3 5.76 13.56 -12.47
CA GLN B 3 6.77 13.39 -11.44
C GLN B 3 7.90 14.39 -11.64
N PRO B 4 8.28 15.10 -10.57
CA PRO B 4 7.74 14.91 -9.22
C PRO B 4 6.53 15.81 -9.03
N ILE B 5 5.81 15.59 -7.94
CA ILE B 5 4.71 16.46 -7.56
C ILE B 5 5.26 17.74 -6.92
N VAL B 6 4.85 18.90 -7.43
CA VAL B 6 5.29 20.18 -6.89
C VAL B 6 4.18 20.87 -6.11
N ILE B 7 4.36 20.98 -4.80
CA ILE B 7 3.35 21.52 -3.92
C ILE B 7 3.67 22.95 -3.51
N HIS B 8 2.76 23.88 -3.82
CA HIS B 8 2.94 25.29 -3.49
C HIS B 8 2.23 25.68 -2.20
N SER B 9 2.95 25.61 -1.09
CA SER B 9 2.39 25.92 0.22
C SER B 9 2.62 27.37 0.61
N SER B 10 2.10 27.76 1.77
CA SER B 10 2.29 29.11 2.29
C SER B 10 3.28 29.11 3.45
N LYS B 12 0.96 27.41 5.98
CA LYS B 12 2.10 26.65 6.49
C LYS B 12 1.81 25.15 6.52
N ASN B 13 0.77 24.74 5.80
CA ASN B 13 0.42 23.32 5.71
C ASN B 13 0.25 22.85 4.28
N TYR B 14 0.97 21.79 3.92
CA TYR B 14 0.92 21.24 2.58
C TYR B 14 -0.43 20.61 2.28
N GLY B 15 -1.01 19.96 3.28
CA GLY B 15 -2.33 19.38 3.16
C GLY B 15 -2.41 17.87 2.93
N PHE B 16 -1.50 17.11 3.53
CA PHE B 16 -1.60 15.66 3.44
C PHE B 16 -1.07 14.95 4.69
N THR B 17 -1.41 13.68 4.81
CA THR B 17 -0.98 12.86 5.92
C THR B 17 -0.15 11.70 5.42
N ILE B 18 0.93 11.37 6.13
CA ILE B 18 1.73 10.21 5.77
C ILE B 18 1.74 9.18 6.89
N ARG B 19 1.84 7.92 6.51
CA ARG B 19 2.02 6.83 7.47
C ARG B 19 3.20 5.99 7.04
N ALA B 20 3.87 5.40 8.02
CA ALA B 20 4.92 4.44 7.73
C ALA B 20 4.30 3.05 7.74
N ILE B 21 4.68 2.23 6.78
CA ILE B 21 4.20 0.87 6.76
C ILE B 21 5.37 -0.08 6.68
N ARG B 22 5.19 -1.28 7.21
CA ARG B 22 6.16 -2.35 7.06
C ARG B 22 5.57 -3.43 6.19
N VAL B 23 6.31 -3.84 5.17
CA VAL B 23 5.89 -4.91 4.28
C VAL B 23 6.80 -6.11 4.49
N TYR B 24 6.22 -7.20 5.01
CA TYR B 24 6.99 -8.39 5.39
C TYR B 24 7.15 -9.36 4.24
N VAL B 25 8.28 -10.08 4.25
CA VAL B 25 8.56 -11.08 3.22
C VAL B 25 8.04 -12.45 3.66
N GLY B 26 7.07 -12.98 2.94
CA GLY B 26 6.50 -14.28 3.26
C GLY B 26 6.05 -14.38 4.71
N ASP B 27 6.45 -15.45 5.39
N ASP B 27 6.45 -15.44 5.40
CA ASP B 27 6.09 -15.67 6.78
CA ASP B 27 6.06 -15.62 6.79
C ASP B 27 7.20 -15.22 7.73
C ASP B 27 7.19 -15.20 7.73
N SER B 28 8.19 -14.54 7.18
CA SER B 28 9.36 -14.12 7.95
C SER B 28 9.17 -12.82 8.72
N ASP B 29 10.18 -12.50 9.53
CA ASP B 29 10.22 -11.24 10.27
C ASP B 29 10.98 -10.15 9.52
N ILE B 30 11.35 -10.43 8.27
N ILE B 30 11.38 -10.42 8.28
CA ILE B 30 12.10 -9.47 7.45
CA ILE B 30 12.11 -9.44 7.50
C ILE B 30 11.10 -8.54 6.74
C ILE B 30 11.14 -8.54 6.73
N TYR B 31 11.36 -7.23 6.79
CA TYR B 31 10.46 -6.28 6.15
C TYR B 31 11.19 -5.13 5.48
N THR B 32 10.46 -4.44 4.61
CA THR B 32 10.90 -3.15 4.09
C THR B 32 9.93 -2.08 4.54
N VAL B 33 10.41 -0.85 4.61
CA VAL B 33 9.61 0.28 5.10
C VAL B 33 9.18 1.17 3.94
N HIS B 34 7.93 1.59 3.98
CA HIS B 34 7.40 2.46 2.94
C HIS B 34 6.59 3.59 3.55
N HIS B 35 6.67 4.75 2.93
CA HIS B 35 5.99 5.92 3.45
C HIS B 35 4.85 6.25 2.53
N ILE B 36 3.64 5.97 2.99
CA ILE B 36 2.46 6.09 2.16
C ILE B 36 1.75 7.44 2.35
N VAL B 37 1.30 8.02 1.25
CA VAL B 37 0.40 9.17 1.36
C VAL B 37 -0.95 8.62 1.79
N TRP B 38 -1.28 8.81 3.08
CA TRP B 38 -2.49 8.23 3.64
C TRP B 38 -3.74 9.01 3.24
N ASN B 39 -3.62 10.33 3.27
CA ASN B 39 -4.76 11.19 2.97
C ASN B 39 -4.33 12.46 2.31
N VAL B 40 -5.15 12.97 1.39
CA VAL B 40 -4.91 14.25 0.77
C VAL B 40 -6.15 15.12 0.98
N GLU B 41 -5.96 16.30 1.55
CA GLU B 41 -7.07 17.15 1.91
C GLU B 41 -7.60 17.89 0.69
N GLU B 42 -8.90 17.77 0.44
CA GLU B 42 -9.54 18.48 -0.65
C GLU B 42 -9.28 19.98 -0.54
N GLY B 43 -9.00 20.62 -1.67
CA GLY B 43 -8.83 22.06 -1.73
C GLY B 43 -7.55 22.58 -1.12
N SER B 44 -6.59 21.69 -0.88
CA SER B 44 -5.31 22.06 -0.31
C SER B 44 -4.27 22.17 -1.42
N PRO B 45 -3.08 22.70 -1.10
CA PRO B 45 -1.97 22.71 -2.05
C PRO B 45 -1.61 21.31 -2.56
N ALA B 46 -1.71 20.30 -1.71
CA ALA B 46 -1.37 18.94 -2.10
C ALA B 46 -2.38 18.40 -3.12
N CYS B 47 -3.65 18.72 -2.89
CA CYS B 47 -4.71 18.33 -3.80
C CYS B 47 -4.52 19.03 -5.15
N GLN B 48 -4.23 20.32 -5.09
CA GLN B 48 -3.96 21.12 -6.29
C GLN B 48 -2.82 20.51 -7.10
N ALA B 49 -1.80 20.02 -6.40
CA ALA B 49 -0.60 19.48 -7.05
C ALA B 49 -0.83 18.09 -7.63
N GLY B 50 -1.94 17.46 -7.26
CA GLY B 50 -2.28 16.15 -7.78
C GLY B 50 -1.59 15.01 -7.04
N LEU B 51 -1.18 15.28 -5.80
CA LEU B 51 -0.63 14.24 -4.94
C LEU B 51 -1.75 13.22 -4.72
N LYS B 52 -1.43 11.95 -4.84
CA LYS B 52 -2.46 10.91 -4.83
C LYS B 52 -2.39 10.03 -3.59
N ALA B 53 -3.47 10.02 -2.81
CA ALA B 53 -3.53 9.11 -1.67
C ALA B 53 -3.38 7.68 -2.15
N GLY B 54 -2.62 6.88 -1.40
CA GLY B 54 -2.37 5.49 -1.75
C GLY B 54 -1.01 5.26 -2.39
N ASP B 55 -0.39 6.32 -2.91
CA ASP B 55 0.94 6.22 -3.49
C ASP B 55 2.02 6.30 -2.42
N LEU B 56 3.23 5.92 -2.78
CA LEU B 56 4.34 5.90 -1.86
C LEU B 56 5.32 7.00 -2.18
N ILE B 57 5.86 7.63 -1.15
CA ILE B 57 6.89 8.64 -1.34
C ILE B 57 8.25 7.97 -1.48
N THR B 58 8.97 8.29 -2.55
CA THR B 58 10.32 7.79 -2.73
C THR B 58 11.39 8.86 -2.54
N HIS B 59 11.05 10.11 -2.85
CA HIS B 59 12.00 11.21 -2.70
C HIS B 59 11.30 12.46 -2.22
N ILE B 60 12.04 13.28 -1.48
CA ILE B 60 11.58 14.61 -1.07
C ILE B 60 12.64 15.63 -1.49
N ASN B 61 12.28 16.51 -2.41
CA ASN B 61 13.25 17.45 -2.98
C ASN B 61 14.47 16.71 -3.50
N GLY B 62 14.24 15.55 -4.13
CA GLY B 62 15.30 14.80 -4.77
C GLY B 62 16.09 13.86 -3.87
N GLU B 63 15.84 13.90 -2.57
CA GLU B 63 16.54 13.04 -1.63
C GLU B 63 15.74 11.78 -1.33
N PRO B 64 16.39 10.62 -1.45
CA PRO B 64 15.74 9.32 -1.28
C PRO B 64 15.36 9.09 0.16
N VAL B 65 14.27 8.35 0.40
CA VAL B 65 13.84 8.08 1.77
C VAL B 65 14.20 6.67 2.26
N HIS B 66 14.89 5.89 1.43
CA HIS B 66 15.36 4.57 1.88
C HIS B 66 16.11 4.68 3.20
N GLY B 67 15.74 3.82 4.14
CA GLY B 67 16.42 3.75 5.42
C GLY B 67 16.00 4.79 6.44
N LEU B 68 15.10 5.70 6.05
CA LEU B 68 14.61 6.71 6.97
C LEU B 68 13.35 6.23 7.67
N VAL B 69 13.27 6.53 8.97
CA VAL B 69 12.06 6.26 9.73
C VAL B 69 11.07 7.42 9.60
N HIS B 70 9.86 7.20 10.09
CA HIS B 70 8.78 8.17 9.99
C HIS B 70 9.21 9.60 10.40
N THR B 71 9.80 9.74 11.58
CA THR B 71 10.16 11.07 12.08
C THR B 71 11.21 11.75 11.20
N GLU B 72 12.06 10.96 10.58
CA GLU B 72 13.07 11.53 9.68
C GLU B 72 12.44 12.04 8.38
N VAL B 73 11.39 11.37 7.91
CA VAL B 73 10.68 11.85 6.72
C VAL B 73 9.93 13.15 7.04
N ILE B 74 9.29 13.18 8.21
CA ILE B 74 8.68 14.42 8.71
C ILE B 74 9.67 15.57 8.65
N GLU B 75 10.87 15.35 9.17
CA GLU B 75 11.87 16.40 9.25
C GLU B 75 12.24 16.93 7.86
N LEU B 76 12.32 16.04 6.89
CA LEU B 76 12.62 16.45 5.52
C LEU B 76 11.54 17.40 5.02
N LEU B 77 10.30 17.11 5.39
CA LEU B 77 9.17 17.92 4.96
C LEU B 77 9.15 19.28 5.67
N LEU B 78 9.44 19.27 6.97
CA LEU B 78 9.46 20.51 7.75
C LEU B 78 10.59 21.45 7.32
N LYS B 79 11.78 20.90 7.10
CA LYS B 79 12.93 21.69 6.69
C LYS B 79 12.73 22.31 5.30
N SER B 80 11.79 21.76 4.55
CA SER B 80 11.48 22.25 3.22
C SER B 80 10.87 23.66 3.29
N GLY B 81 10.92 24.38 2.17
CA GLY B 81 10.41 25.73 2.14
C GLY B 81 8.93 25.79 1.82
N ASN B 82 8.52 26.85 1.13
CA ASN B 82 7.13 27.00 0.70
C ASN B 82 6.77 25.95 -0.34
N LYS B 83 7.60 25.83 -1.37
CA LYS B 83 7.40 24.82 -2.39
C LYS B 83 8.17 23.55 -2.05
N VAL B 84 7.50 22.39 -2.16
CA VAL B 84 8.16 21.11 -1.92
C VAL B 84 7.92 20.18 -3.11
N SER B 85 8.98 19.49 -3.53
CA SER B 85 8.85 18.53 -4.62
C SER B 85 8.90 17.12 -4.05
N ILE B 86 7.87 16.34 -4.35
CA ILE B 86 7.77 14.99 -3.80
C ILE B 86 7.67 14.00 -4.95
N THR B 87 8.57 13.02 -4.95
CA THR B 87 8.52 11.98 -5.95
C THR B 87 7.73 10.81 -5.39
N THR B 88 6.71 10.37 -6.12
CA THR B 88 5.88 9.27 -5.68
C THR B 88 5.85 8.13 -6.70
N THR B 89 5.46 6.95 -6.23
CA THR B 89 5.25 5.79 -7.08
C THR B 89 4.03 5.03 -6.58
N PRO B 90 3.27 4.41 -7.49
CA PRO B 90 2.16 3.55 -7.07
C PRO B 90 2.70 2.18 -6.67
N PHE B 91 1.89 1.35 -6.01
CA PHE B 91 2.25 -0.04 -5.84
C PHE B 91 2.35 -0.68 -7.22
N GLU B 92 3.56 -1.04 -7.61
CA GLU B 92 3.81 -1.68 -8.90
C GLU B 92 4.98 -2.62 -8.69
N ASN B 93 4.69 -3.90 -8.51
CA ASN B 93 5.73 -4.85 -8.16
C ASN B 93 5.90 -5.92 -9.24
N THR B 94 5.70 -5.51 -10.49
CA THR B 94 5.77 -6.39 -11.66
C THR B 94 7.19 -6.93 -11.93
N GLU B 95 7.31 -8.24 -12.08
CA GLU B 95 8.61 -8.85 -12.33
C GLU B 95 8.84 -9.04 -13.82
N THR B 96 10.11 -9.23 -14.20
CA THR B 96 10.43 -9.58 -15.57
C THR B 96 10.52 -11.10 -15.68
N SER B 97 9.44 -11.71 -16.14
CA SER B 97 9.32 -13.15 -16.21
C SER B 97 9.37 -13.59 -17.67
N VAL B 98 10.20 -14.60 -17.95
CA VAL B 98 10.39 -15.07 -19.31
C VAL B 98 10.24 -16.59 -19.38
#